data_5M75
#
_entry.id   5M75
#
_cell.length_a   58.033
_cell.length_b   73.122
_cell.length_c   108.727
_cell.angle_alpha   90.00
_cell.angle_beta   90.00
_cell.angle_gamma   90.00
#
_symmetry.space_group_name_H-M   'P 21 21 21'
#
loop_
_entity.id
_entity.type
_entity.pdbx_description
1 polymer 'cAMP-dependent protein kinase catalytic subunit alpha'
2 polymer 'cAMP-dependent protein kinase inhibitor alpha'
3 non-polymer 'DIMETHYL SULFOXIDE'
4 non-polymer 5-[[(2~{S})-2-methyl-1,4-diazepan-1-yl]sulfonyl]isoquinoline
5 water water
#
loop_
_entity_poly.entity_id
_entity_poly.type
_entity_poly.pdbx_seq_one_letter_code
_entity_poly.pdbx_strand_id
1 'polypeptide(L)'
;GHMGNAAAAKKG(SEP)EQESVKEFLAKAKEEFLKKWESPSQNTAQLDHFDRIKTLGTGSFGRVMLVKHKETGNHYAMKI
LDKQKVVKLKQIEHTLNEKRILQAVNFPFLVKLEFSFKDNSNLYMVMEYVPGGEMFSHLRRIGRFSEPHARFYAAQIVLT
FEYLHSLDLIYRDLKPENLLIDQQGYIQVTDFGFAKRVKGRTW(TPO)LCGTPEYLAPEIILSKGYNKAVDWWALGVLIY
EMAAGYPPFFADQPIQIYEKIVSGKVRFPSHFSSDLKDLLRNLLQVDLTKRFGNLKNGVNDIKNHKWFATTDWIAIYQRK
VEAPFIPKFKGPGDTSNFDDYEEEEIRV(SEP)INEKCGKEFTEF
;
A
2 'polypeptide(L)' TTYADFIASGRTGRRNAIHD B
#
loop_
_chem_comp.id
_chem_comp.type
_chem_comp.name
_chem_comp.formula
9K6 non-polymer 5-[[(2~{S})-2-methyl-1,4-diazepan-1-yl]sulfonyl]isoquinoline 'C15 H19 N3 O2 S'
DMS non-polymer 'DIMETHYL SULFOXIDE' 'C2 H6 O S'
#
# COMPACT_ATOMS: atom_id res chain seq x y z
N GLY A 1 -20.67 25.22 -18.88
CA GLY A 1 -19.95 23.98 -18.46
C GLY A 1 -19.90 23.92 -16.94
N HIS A 2 -19.22 22.92 -16.39
CA HIS A 2 -19.18 22.80 -14.95
C HIS A 2 -18.25 23.83 -14.32
N MET A 3 -17.27 24.34 -15.06
CA MET A 3 -16.31 25.31 -14.56
C MET A 3 -16.40 26.61 -15.35
N GLY A 4 -16.40 27.72 -14.62
CA GLY A 4 -16.15 29.02 -15.19
C GLY A 4 -14.68 29.19 -15.52
N ASN A 5 -14.37 30.37 -16.06
CA ASN A 5 -13.05 30.61 -16.64
C ASN A 5 -11.94 30.46 -15.61
N ALA A 6 -12.11 31.06 -14.43
CA ALA A 6 -11.05 31.02 -13.42
C ALA A 6 -10.81 29.60 -12.94
N ALA A 7 -11.89 28.87 -12.67
CA ALA A 7 -11.73 27.51 -12.16
C ALA A 7 -11.14 26.60 -13.23
N ALA A 8 -11.57 26.75 -14.47
CA ALA A 8 -11.04 25.91 -15.55
C ALA A 8 -9.56 26.17 -15.75
N ALA A 9 -9.15 27.43 -15.73
CA ALA A 9 -7.74 27.75 -15.92
C ALA A 9 -6.90 27.20 -14.79
N LYS A 10 -7.40 27.33 -13.56
CA LYS A 10 -6.68 26.85 -12.39
C LYS A 10 -6.53 25.35 -12.46
N LYS A 11 -7.59 24.64 -12.83
CA LYS A 11 -7.52 23.19 -12.91
C LYS A 11 -6.57 22.75 -14.03
N GLY A 12 -6.64 23.40 -15.20
CA GLY A 12 -5.74 23.04 -16.28
C GLY A 12 -4.28 23.21 -15.88
N SEP A 13 -3.99 24.33 -15.25
CA SEP A 13 -2.64 24.62 -14.83
CB SEP A 13 -2.57 26.03 -14.28
OG SEP A 13 -1.35 26.21 -13.62
C SEP A 13 -2.14 23.61 -13.80
O SEP A 13 -0.96 23.20 -13.83
P SEP A 13 -0.70 27.67 -13.74
O1P SEP A 13 -1.76 28.78 -13.26
O2P SEP A 13 0.53 27.62 -12.76
O3P SEP A 13 -0.28 27.94 -15.26
H SEP A 13 -4.57 24.94 -15.05
HA SEP A 13 -2.04 24.57 -15.61
HB2 SEP A 13 -3.29 26.17 -13.65
HB3 SEP A 13 -2.63 26.66 -15.00
N GLU A 14 -3.01 23.26 -12.86
CA GLU A 14 -2.69 22.28 -11.83
C GLU A 14 -2.35 20.95 -12.49
N GLN A 15 -3.14 20.55 -13.48
CA GLN A 15 -2.90 19.28 -14.15
C GLN A 15 -1.59 19.31 -14.93
N GLU A 16 -1.26 20.45 -15.54
CA GLU A 16 0.01 20.53 -16.24
C GLU A 16 1.18 20.47 -15.25
N SER A 17 1.02 21.11 -14.09
CA SER A 17 2.07 21.07 -13.09
C SER A 17 2.31 19.66 -12.57
N VAL A 18 1.25 18.86 -12.47
CA VAL A 18 1.45 17.46 -12.11
C VAL A 18 2.32 16.77 -13.14
N LYS A 19 2.06 17.00 -14.42
CA LYS A 19 2.88 16.40 -15.46
C LYS A 19 4.33 16.78 -15.28
N GLU A 20 4.58 18.06 -14.96
CA GLU A 20 5.93 18.55 -14.82
C GLU A 20 6.62 17.90 -13.62
N PHE A 21 5.91 17.78 -12.51
CA PHE A 21 6.43 17.09 -11.34
C PHE A 21 6.78 15.64 -11.67
N LEU A 22 5.87 14.95 -12.32
CA LEU A 22 6.05 13.52 -12.56
C LEU A 22 7.20 13.26 -13.51
N ALA A 23 7.40 14.15 -14.49
CA ALA A 23 8.51 13.99 -15.42
C ALA A 23 9.84 14.09 -14.67
N LYS A 24 9.94 15.05 -13.74
CA LYS A 24 11.14 15.18 -12.93
C LYS A 24 11.31 13.98 -12.00
N ALA A 25 10.21 13.51 -11.40
CA ALA A 25 10.30 12.37 -10.50
C ALA A 25 10.71 11.11 -11.23
N LYS A 26 10.27 10.95 -12.48
CA LYS A 26 10.69 9.79 -13.27
C LYS A 26 12.18 9.84 -13.55
N GLU A 27 12.68 11.01 -13.95
CA GLU A 27 14.12 11.20 -14.15
C GLU A 27 14.90 10.81 -12.89
N GLU A 28 14.45 11.29 -11.73
CA GLU A 28 15.17 11.00 -10.48
C GLU A 28 15.11 9.52 -10.13
N PHE A 29 13.94 8.91 -10.34
CA PHE A 29 13.81 7.47 -10.06
C PHE A 29 14.75 6.67 -10.95
N LEU A 30 14.78 6.98 -12.24
CA LEU A 30 15.56 6.15 -13.15
C LEU A 30 17.04 6.27 -12.84
N LYS A 31 17.48 7.45 -12.40
CA LYS A 31 18.87 7.60 -11.99
C LYS A 31 19.21 6.69 -10.81
N LYS A 32 18.34 6.67 -9.79
CA LYS A 32 18.57 5.81 -8.63
C LYS A 32 18.38 4.34 -9.00
N TRP A 33 17.46 4.04 -9.89
CA TRP A 33 17.24 2.64 -10.26
C TRP A 33 18.47 2.05 -10.90
N GLU A 34 19.19 2.87 -11.65
CA GLU A 34 20.38 2.43 -12.37
C GLU A 34 21.64 2.45 -11.52
N SER A 35 21.72 3.31 -10.51
CA SER A 35 22.91 3.43 -9.67
C SER A 35 22.45 3.37 -8.22
N PRO A 36 22.11 2.18 -7.72
CA PRO A 36 21.55 2.05 -6.37
C PRO A 36 22.58 2.14 -5.25
N SER A 37 22.20 1.65 -4.06
CA SER A 37 23.03 1.61 -2.87
C SER A 37 23.00 0.21 -2.28
N GLN A 38 23.83 -0.04 -1.27
CA GLN A 38 24.00 -1.40 -0.78
C GLN A 38 24.79 -1.39 0.53
N ASN A 39 24.65 -2.48 1.29
CA ASN A 39 25.48 -2.82 2.46
C ASN A 39 25.78 -1.60 3.34
N THR A 40 24.72 -0.87 3.73
CA THR A 40 24.88 0.41 4.41
C THR A 40 24.87 0.31 5.95
N ALA A 41 24.92 -0.89 6.54
CA ALA A 41 25.00 -1.03 8.01
C ALA A 41 25.22 -2.51 8.35
N GLN A 42 25.16 -2.84 9.65
CA GLN A 42 25.27 -4.24 10.08
C GLN A 42 24.45 -4.48 11.35
N LEU A 43 24.23 -5.77 11.65
CA LEU A 43 23.24 -6.16 12.64
C LEU A 43 23.58 -5.61 14.02
N ASP A 44 24.85 -5.70 14.44
CA ASP A 44 25.16 -5.27 15.80
C ASP A 44 25.20 -3.75 15.94
N HIS A 45 24.81 -3.00 14.91
CA HIS A 45 24.57 -1.57 15.04
C HIS A 45 23.24 -1.25 15.69
N PHE A 46 22.37 -2.25 15.90
CA PHE A 46 21.03 -2.01 16.41
C PHE A 46 20.74 -2.89 17.61
N ASP A 47 19.96 -2.36 18.54
CA ASP A 47 19.31 -3.16 19.58
C ASP A 47 17.95 -3.60 19.05
N ARG A 48 17.63 -4.88 19.20
CA ARG A 48 16.33 -5.37 18.75
C ARG A 48 15.36 -5.32 19.94
N ILE A 49 14.22 -4.65 19.76
CA ILE A 49 13.33 -4.32 20.87
C ILE A 49 12.10 -5.21 20.90
N LYS A 50 11.33 -5.29 19.81
CA LYS A 50 10.03 -5.94 19.83
C LYS A 50 9.58 -6.22 18.41
N THR A 51 8.88 -7.33 18.23
CA THR A 51 8.32 -7.65 16.93
C THR A 51 7.06 -6.84 16.69
N LEU A 52 7.02 -6.16 15.56
CA LEU A 52 5.89 -5.32 15.18
C LEU A 52 4.90 -6.03 14.28
N GLY A 53 5.35 -7.06 13.57
CA GLY A 53 4.49 -7.78 12.65
C GLY A 53 5.26 -8.94 12.08
N THR A 54 4.52 -9.90 11.55
CA THR A 54 5.13 -11.11 11.01
C THR A 54 4.51 -11.48 9.67
N GLY A 55 5.17 -12.41 8.99
CA GLY A 55 4.65 -13.01 7.78
C GLY A 55 5.45 -14.26 7.46
N SER A 56 5.08 -14.90 6.35
CA SER A 56 5.88 -16.01 5.84
C SER A 56 7.26 -15.53 5.41
N PHE A 57 7.40 -14.25 5.06
CA PHE A 57 8.71 -13.70 4.74
C PHE A 57 9.65 -13.81 5.94
N GLY A 58 9.15 -13.46 7.12
CA GLY A 58 9.97 -13.32 8.30
C GLY A 58 9.25 -12.45 9.30
N ARG A 59 9.92 -11.43 9.83
CA ARG A 59 9.28 -10.54 10.79
C ARG A 59 9.82 -9.13 10.60
N VAL A 60 9.07 -8.18 11.14
CA VAL A 60 9.53 -6.80 11.25
C VAL A 60 9.66 -6.49 12.72
N MET A 61 10.83 -5.99 13.13
CA MET A 61 11.10 -5.63 14.52
C MET A 61 11.38 -4.16 14.66
N LEU A 62 10.90 -3.59 15.76
CA LEU A 62 11.41 -2.32 16.21
C LEU A 62 12.84 -2.49 16.68
N VAL A 63 13.73 -1.62 16.20
CA VAL A 63 15.12 -1.64 16.60
C VAL A 63 15.52 -0.22 16.95
N LYS A 64 16.60 -0.10 17.72
CA LYS A 64 17.16 1.20 18.06
C LYS A 64 18.61 1.20 17.62
N HIS A 65 18.96 2.16 16.77
CA HIS A 65 20.33 2.30 16.32
C HIS A 65 21.19 2.74 17.49
N LYS A 66 22.23 1.97 17.80
CA LYS A 66 23.01 2.21 19.01
C LYS A 66 23.70 3.56 18.94
N GLU A 67 24.36 3.84 17.82
CA GLU A 67 25.20 5.04 17.76
C GLU A 67 24.35 6.31 17.82
N THR A 68 23.19 6.32 17.18
CA THR A 68 22.36 7.52 17.10
C THR A 68 21.19 7.52 18.07
N GLY A 69 20.71 6.35 18.47
CA GLY A 69 19.53 6.25 19.32
C GLY A 69 18.23 6.28 18.56
N ASN A 70 18.24 6.44 17.25
CA ASN A 70 17.01 6.49 16.47
C ASN A 70 16.35 5.12 16.37
N HIS A 71 15.02 5.10 16.42
CA HIS A 71 14.27 3.87 16.19
C HIS A 71 13.96 3.68 14.70
N TYR A 72 13.96 2.41 14.29
CA TYR A 72 13.67 2.00 12.93
C TYR A 72 12.87 0.72 12.97
N ALA A 73 12.29 0.36 11.82
CA ALA A 73 11.60 -0.92 11.65
C ALA A 73 12.49 -1.78 10.77
N MET A 74 12.95 -2.90 11.32
CA MET A 74 13.87 -3.77 10.59
C MET A 74 13.13 -5.02 10.14
N LYS A 75 13.01 -5.17 8.82
CA LYS A 75 12.46 -6.38 8.23
C LYS A 75 13.58 -7.41 8.11
N ILE A 76 13.36 -8.58 8.67
CA ILE A 76 14.32 -9.67 8.65
C ILE A 76 13.74 -10.80 7.81
N LEU A 77 14.43 -11.16 6.74
CA LEU A 77 14.06 -12.28 5.88
C LEU A 77 15.09 -13.39 5.98
N ASP A 78 14.61 -14.61 6.20
CA ASP A 78 15.49 -15.79 6.23
C ASP A 78 15.72 -16.25 4.79
N LYS A 79 16.98 -16.19 4.35
CA LYS A 79 17.27 -16.49 2.95
C LYS A 79 16.74 -17.87 2.54
N GLN A 80 16.98 -18.89 3.37
CA GLN A 80 16.55 -20.23 2.99
C GLN A 80 15.02 -20.28 2.83
N LYS A 81 14.29 -19.60 3.70
CA LYS A 81 12.84 -19.57 3.57
C LYS A 81 12.41 -18.81 2.32
N VAL A 82 13.06 -17.69 2.03
CA VAL A 82 12.76 -16.95 0.81
C VAL A 82 12.92 -17.87 -0.40
N VAL A 83 14.01 -18.62 -0.45
CA VAL A 83 14.21 -19.53 -1.59
C VAL A 83 13.15 -20.62 -1.61
N LYS A 84 12.85 -21.22 -0.45
CA LYS A 84 11.85 -22.27 -0.42
C LYS A 84 10.50 -21.75 -0.91
N LEU A 85 10.15 -20.53 -0.53
CA LEU A 85 8.86 -19.96 -0.92
C LEU A 85 8.90 -19.30 -2.30
N LYS A 86 10.02 -19.41 -3.01
CA LYS A 86 10.14 -18.93 -4.39
C LYS A 86 9.95 -17.42 -4.47
N GLN A 87 10.53 -16.70 -3.51
CA GLN A 87 10.37 -15.26 -3.42
C GLN A 87 11.69 -14.52 -3.65
N ILE A 88 12.65 -15.14 -4.33
CA ILE A 88 13.93 -14.47 -4.54
C ILE A 88 13.74 -13.19 -5.32
N GLU A 89 13.09 -13.28 -6.49
CA GLU A 89 12.93 -12.11 -7.34
C GLU A 89 12.13 -11.03 -6.65
N HIS A 90 11.05 -11.43 -5.96
CA HIS A 90 10.21 -10.46 -5.25
C HIS A 90 11.01 -9.70 -4.20
N THR A 91 11.86 -10.41 -3.46
CA THR A 91 12.61 -9.77 -2.39
C THR A 91 13.66 -8.81 -2.96
N LEU A 92 14.38 -9.24 -3.99
CA LEU A 92 15.36 -8.35 -4.59
C LEU A 92 14.66 -7.13 -5.18
N ASN A 93 13.52 -7.36 -5.84
CA ASN A 93 12.79 -6.28 -6.46
C ASN A 93 12.25 -5.29 -5.42
N GLU A 94 11.73 -5.80 -4.30
CA GLU A 94 11.23 -4.90 -3.26
C GLU A 94 12.32 -3.94 -2.81
N LYS A 95 13.52 -4.47 -2.56
CA LYS A 95 14.61 -3.61 -2.10
C LYS A 95 14.99 -2.61 -3.17
N ARG A 96 15.04 -3.05 -4.42
CA ARG A 96 15.43 -2.15 -5.51
C ARG A 96 14.42 -1.02 -5.65
N ILE A 97 13.14 -1.35 -5.53
CA ILE A 97 12.11 -0.31 -5.60
C ILE A 97 12.24 0.65 -4.44
N LEU A 98 12.33 0.11 -3.21
CA LEU A 98 12.38 0.98 -2.05
C LEU A 98 13.56 1.94 -2.09
N GLN A 99 14.69 1.49 -2.62
N GLN A 99 14.68 1.47 -2.64
CA GLN A 99 15.87 2.35 -2.71
CA GLN A 99 15.92 2.24 -2.78
C GLN A 99 15.61 3.51 -3.67
C GLN A 99 15.79 3.37 -3.78
N ALA A 100 14.85 3.26 -4.73
CA ALA A 100 14.78 4.16 -5.87
C ALA A 100 13.64 5.16 -5.79
N VAL A 101 12.55 4.83 -5.08
CA VAL A 101 11.39 5.71 -5.05
C VAL A 101 11.58 6.79 -3.98
N ASN A 102 10.77 7.84 -4.10
CA ASN A 102 10.80 8.95 -3.17
C ASN A 102 9.45 9.65 -3.26
N PHE A 103 8.66 9.54 -2.20
CA PHE A 103 7.34 10.13 -2.16
C PHE A 103 6.91 10.21 -0.71
N PRO A 104 6.13 11.21 -0.31
CA PRO A 104 5.90 11.42 1.13
C PRO A 104 5.09 10.33 1.79
N PHE A 105 4.38 9.50 1.03
CA PHE A 105 3.57 8.42 1.58
C PHE A 105 4.15 7.04 1.30
N LEU A 106 5.40 6.96 0.84
CA LEU A 106 6.11 5.70 0.63
C LEU A 106 7.20 5.57 1.67
N VAL A 107 7.20 4.47 2.42
CA VAL A 107 8.17 4.31 3.50
C VAL A 107 9.58 4.41 2.95
N LYS A 108 10.47 5.00 3.74
CA LYS A 108 11.85 5.18 3.32
C LYS A 108 12.74 4.09 3.88
N LEU A 109 13.53 3.51 2.99
CA LEU A 109 14.54 2.55 3.36
C LEU A 109 15.76 3.32 3.83
N GLU A 110 16.15 3.08 5.09
CA GLU A 110 17.26 3.80 5.68
C GLU A 110 18.56 3.00 5.60
N PHE A 111 18.49 1.67 5.71
CA PHE A 111 19.68 0.83 5.56
C PHE A 111 19.25 -0.53 5.01
N SER A 112 20.22 -1.23 4.43
CA SER A 112 20.03 -2.63 4.10
C SER A 112 21.36 -3.36 4.18
N PHE A 113 21.30 -4.64 4.53
CA PHE A 113 22.51 -5.44 4.66
C PHE A 113 22.08 -6.90 4.77
N LYS A 114 23.07 -7.79 4.74
CA LYS A 114 22.77 -9.22 4.82
C LYS A 114 23.89 -9.92 5.57
N ASP A 115 23.59 -11.12 6.05
CA ASP A 115 24.62 -11.92 6.71
C ASP A 115 24.44 -13.36 6.24
N ASN A 116 25.12 -14.31 6.92
CA ASN A 116 25.09 -15.68 6.44
C ASN A 116 23.66 -16.21 6.29
N SER A 117 22.73 -15.78 7.13
CA SER A 117 21.41 -16.40 7.19
C SER A 117 20.28 -15.51 6.69
N ASN A 118 20.36 -14.20 6.91
CA ASN A 118 19.21 -13.33 6.74
C ASN A 118 19.52 -12.15 5.83
N LEU A 119 18.45 -11.56 5.30
CA LEU A 119 18.47 -10.26 4.66
C LEU A 119 17.81 -9.24 5.59
N TYR A 120 18.31 -8.00 5.59
CA TYR A 120 17.83 -6.96 6.51
C TYR A 120 17.48 -5.70 5.73
N MET A 121 16.23 -5.25 5.85
CA MET A 121 15.79 -3.96 5.32
C MET A 121 15.36 -3.09 6.49
N VAL A 122 16.10 -2.00 6.72
CA VAL A 122 15.84 -1.13 7.86
C VAL A 122 15.13 0.10 7.33
N MET A 123 13.86 0.21 7.69
CA MET A 123 12.96 1.25 7.21
C MET A 123 12.66 2.22 8.34
N GLU A 124 12.14 3.39 7.97
CA GLU A 124 11.57 4.28 8.97
C GLU A 124 10.58 3.51 9.82
N TYR A 125 10.58 3.77 11.13
CA TYR A 125 9.54 3.27 12.01
C TYR A 125 8.32 4.16 11.89
N VAL A 126 7.18 3.54 11.59
CA VAL A 126 5.92 4.25 11.42
C VAL A 126 5.06 3.90 12.62
N PRO A 127 4.94 4.78 13.62
CA PRO A 127 4.48 4.33 14.95
C PRO A 127 2.97 4.22 15.12
N GLY A 128 2.18 4.66 14.16
CA GLY A 128 0.74 4.74 14.35
C GLY A 128 0.01 3.44 14.16
N GLY A 129 0.69 2.41 13.68
CA GLY A 129 0.06 1.12 13.51
C GLY A 129 -0.57 0.97 12.16
N GLU A 130 -1.17 -0.20 11.95
CA GLU A 130 -1.84 -0.52 10.71
C GLU A 130 -3.20 0.17 10.63
N MET A 131 -3.51 0.71 9.45
CA MET A 131 -4.87 1.20 9.22
C MET A 131 -5.89 0.14 9.59
N PHE A 132 -5.60 -1.11 9.25
CA PHE A 132 -6.46 -2.24 9.54
C PHE A 132 -6.95 -2.22 10.98
N SER A 133 -6.03 -2.09 11.93
N SER A 133 -6.04 -2.06 11.94
CA SER A 133 -6.40 -2.14 13.34
CA SER A 133 -6.45 -2.17 13.33
C SER A 133 -7.36 -1.01 13.68
C SER A 133 -7.32 -1.00 13.75
N HIS A 134 -7.02 0.21 13.25
CA HIS A 134 -7.87 1.36 13.55
C HIS A 134 -9.24 1.20 12.94
N LEU A 135 -9.30 0.66 11.73
CA LEU A 135 -10.57 0.49 11.04
C LEU A 135 -11.44 -0.54 11.77
N ARG A 136 -10.87 -1.66 12.16
CA ARG A 136 -11.66 -2.67 12.87
C ARG A 136 -12.09 -2.16 14.24
N ARG A 137 -11.25 -1.36 14.89
N ARG A 137 -11.23 -1.37 14.88
CA ARG A 137 -11.57 -0.86 16.21
CA ARG A 137 -11.53 -0.84 16.21
C ARG A 137 -12.65 0.21 16.16
C ARG A 137 -12.64 0.20 16.15
N ILE A 138 -12.49 1.21 15.28
CA ILE A 138 -13.47 2.29 15.17
C ILE A 138 -14.74 1.79 14.50
N GLY A 139 -14.61 0.80 13.62
CA GLY A 139 -15.72 0.20 12.92
C GLY A 139 -15.68 0.61 11.47
N ARG A 140 -15.82 1.91 11.23
N ARG A 140 -15.88 1.90 11.22
CA ARG A 140 -15.74 2.45 9.88
CA ARG A 140 -15.77 2.47 9.90
C ARG A 140 -15.35 3.91 10.02
C ARG A 140 -15.27 3.89 10.06
N PHE A 141 -14.73 4.43 8.97
CA PHE A 141 -14.30 5.81 8.91
C PHE A 141 -15.39 6.65 8.29
N SER A 142 -15.54 7.88 8.78
CA SER A 142 -16.44 8.82 8.13
C SER A 142 -15.96 9.08 6.71
N GLU A 143 -16.85 9.60 5.87
CA GLU A 143 -16.41 9.88 4.50
C GLU A 143 -15.28 10.89 4.46
N PRO A 144 -15.26 11.96 5.26
CA PRO A 144 -14.08 12.83 5.22
C PRO A 144 -12.79 12.14 5.64
N HIS A 145 -12.87 11.26 6.63
CA HIS A 145 -11.71 10.52 7.12
C HIS A 145 -11.22 9.56 6.06
N ALA A 146 -12.15 8.78 5.47
CA ALA A 146 -11.80 7.91 4.36
C ALA A 146 -11.20 8.70 3.20
N ARG A 147 -11.79 9.85 2.89
CA ARG A 147 -11.35 10.67 1.76
C ARG A 147 -9.92 11.15 1.97
N PHE A 148 -9.57 11.56 3.19
CA PHE A 148 -8.22 11.99 3.50
C PHE A 148 -7.21 10.89 3.17
N TYR A 149 -7.50 9.66 3.60
CA TYR A 149 -6.60 8.55 3.28
C TYR A 149 -6.63 8.24 1.79
N ALA A 150 -7.83 8.23 1.20
CA ALA A 150 -7.96 7.88 -0.20
C ALA A 150 -7.15 8.82 -1.08
N ALA A 151 -7.17 10.11 -0.74
CA ALA A 151 -6.44 11.10 -1.52
C ALA A 151 -4.96 10.77 -1.54
N GLN A 152 -4.41 10.32 -0.41
CA GLN A 152 -3.00 9.96 -0.35
C GLN A 152 -2.71 8.75 -1.22
N ILE A 153 -3.62 7.78 -1.26
CA ILE A 153 -3.41 6.63 -2.14
C ILE A 153 -3.49 7.06 -3.61
N VAL A 154 -4.45 7.94 -3.96
CA VAL A 154 -4.55 8.42 -5.34
C VAL A 154 -3.24 9.05 -5.77
N LEU A 155 -2.70 9.95 -4.94
CA LEU A 155 -1.44 10.60 -5.29
C LEU A 155 -0.29 9.59 -5.36
N THR A 156 -0.25 8.64 -4.44
CA THR A 156 0.82 7.64 -4.45
C THR A 156 0.76 6.79 -5.70
N PHE A 157 -0.44 6.36 -6.09
CA PHE A 157 -0.58 5.59 -7.33
C PHE A 157 -0.30 6.44 -8.55
N GLU A 158 -0.68 7.71 -8.54
CA GLU A 158 -0.33 8.58 -9.66
C GLU A 158 1.18 8.63 -9.84
N TYR A 159 1.90 8.72 -8.73
CA TYR A 159 3.36 8.70 -8.73
C TYR A 159 3.90 7.35 -9.20
N LEU A 160 3.48 6.25 -8.55
CA LEU A 160 4.00 4.94 -8.92
C LEU A 160 3.70 4.62 -10.38
N HIS A 161 2.48 4.90 -10.82
CA HIS A 161 2.15 4.55 -12.19
C HIS A 161 2.95 5.36 -13.21
N SER A 162 3.29 6.62 -12.89
CA SER A 162 4.14 7.40 -13.78
C SER A 162 5.50 6.75 -13.97
N LEU A 163 5.94 5.97 -12.99
CA LEU A 163 7.19 5.22 -13.03
C LEU A 163 7.02 3.85 -13.65
N ASP A 164 5.81 3.57 -14.15
CA ASP A 164 5.42 2.26 -14.68
C ASP A 164 5.44 1.16 -13.62
N LEU A 165 5.22 1.54 -12.36
CA LEU A 165 5.14 0.55 -11.29
C LEU A 165 3.67 0.27 -10.98
N ILE A 166 3.29 -1.00 -11.08
CA ILE A 166 2.00 -1.44 -10.57
C ILE A 166 2.22 -1.96 -9.15
N TYR A 167 1.31 -1.60 -8.24
CA TYR A 167 1.53 -1.88 -6.81
C TYR A 167 1.05 -3.28 -6.41
N ARG A 168 -0.22 -3.58 -6.67
CA ARG A 168 -0.84 -4.90 -6.62
C ARG A 168 -1.09 -5.46 -5.21
N ASP A 169 -0.84 -4.76 -4.12
N ASP A 169 -0.84 -4.69 -4.15
CA ASP A 169 -1.29 -5.36 -2.85
CA ASP A 169 -0.87 -5.17 -2.78
C ASP A 169 -1.73 -4.28 -1.89
C ASP A 169 -1.70 -4.27 -1.86
N LEU A 170 -2.62 -3.44 -2.41
CA LEU A 170 -3.34 -2.48 -1.57
C LEU A 170 -4.34 -3.19 -0.69
N LYS A 171 -4.34 -2.83 0.60
CA LYS A 171 -5.33 -3.28 1.57
C LYS A 171 -4.99 -2.56 2.88
N PRO A 172 -5.93 -2.46 3.81
CA PRO A 172 -5.65 -1.72 5.05
C PRO A 172 -4.52 -2.32 5.86
N GLU A 173 -4.31 -3.64 5.72
CA GLU A 173 -3.25 -4.32 6.42
C GLU A 173 -1.89 -3.77 6.04
N ASN A 174 -1.75 -3.24 4.82
CA ASN A 174 -0.47 -2.80 4.29
C ASN A 174 -0.29 -1.30 4.36
N LEU A 175 -1.18 -0.59 5.05
CA LEU A 175 -1.10 0.86 5.16
C LEU A 175 -0.88 1.20 6.61
N LEU A 176 0.19 1.93 6.88
CA LEU A 176 0.54 2.35 8.22
C LEU A 176 0.19 3.81 8.41
N ILE A 177 -0.07 4.20 9.64
CA ILE A 177 -0.39 5.57 9.99
C ILE A 177 0.80 6.15 10.73
N ASP A 178 1.32 7.28 10.26
CA ASP A 178 2.49 7.88 10.89
C ASP A 178 2.07 8.83 12.01
N GLN A 179 3.04 9.48 12.63
CA GLN A 179 2.77 10.28 13.81
C GLN A 179 1.87 11.47 13.52
N GLN A 180 1.85 11.96 12.28
CA GLN A 180 1.01 13.07 11.91
C GLN A 180 -0.34 12.63 11.37
N GLY A 181 -0.61 11.33 11.35
CA GLY A 181 -1.88 10.85 10.87
C GLY A 181 -1.91 10.54 9.39
N TYR A 182 -0.79 10.68 8.70
CA TYR A 182 -0.72 10.39 7.27
C TYR A 182 -0.33 8.92 7.02
N ILE A 183 -0.55 8.47 5.81
CA ILE A 183 -0.36 7.08 5.41
C ILE A 183 1.07 6.83 4.96
N GLN A 184 1.56 5.63 5.26
CA GLN A 184 2.81 5.10 4.72
C GLN A 184 2.54 3.74 4.08
N VAL A 185 2.91 3.63 2.82
CA VAL A 185 2.90 2.36 2.08
C VAL A 185 4.29 1.73 2.19
N THR A 186 4.36 0.42 2.52
CA THR A 186 5.63 -0.22 2.92
C THR A 186 6.05 -1.43 2.08
N ASP A 187 5.08 -2.24 1.65
CA ASP A 187 5.33 -3.56 1.06
C ASP A 187 5.35 -3.46 -0.45
N PHE A 188 6.48 -3.80 -1.05
CA PHE A 188 6.61 -3.72 -2.50
C PHE A 188 7.00 -5.07 -3.12
N GLY A 189 6.79 -6.15 -2.39
CA GLY A 189 7.14 -7.46 -2.89
C GLY A 189 6.40 -7.85 -4.15
N PHE A 190 5.14 -7.41 -4.29
CA PHE A 190 4.37 -7.75 -5.47
C PHE A 190 4.39 -6.65 -6.50
N ALA A 191 5.04 -5.53 -6.23
CA ALA A 191 5.08 -4.44 -7.21
C ALA A 191 5.93 -4.86 -8.40
N LYS A 192 5.59 -4.34 -9.58
CA LYS A 192 6.30 -4.73 -10.79
C LYS A 192 6.38 -3.54 -11.73
N ARG A 193 7.52 -3.39 -12.41
CA ARG A 193 7.62 -2.44 -13.50
C ARG A 193 6.88 -3.02 -14.71
N VAL A 194 5.82 -2.35 -15.11
CA VAL A 194 4.93 -2.84 -16.14
C VAL A 194 4.45 -1.65 -16.96
N LYS A 195 5.08 -1.39 -18.09
CA LYS A 195 4.57 -0.32 -18.96
C LYS A 195 3.34 -0.78 -19.72
N GLY A 196 3.27 -2.08 -20.03
CA GLY A 196 2.17 -2.65 -20.78
C GLY A 196 1.30 -3.52 -19.92
N ARG A 197 1.40 -4.83 -20.09
CA ARG A 197 0.61 -5.78 -19.33
C ARG A 197 1.49 -6.77 -18.60
N THR A 198 0.88 -7.42 -17.60
CA THR A 198 1.52 -8.51 -16.89
C THR A 198 0.46 -9.56 -16.56
N TRP A 199 0.89 -10.73 -16.09
CA TRP A 199 -0.03 -11.85 -15.99
C TRP A 199 -0.08 -12.60 -14.65
N TPO A 200 0.76 -12.25 -13.68
CA TPO A 200 0.84 -13.08 -12.48
CB TPO A 200 2.05 -12.67 -11.63
CG2 TPO A 200 2.25 -13.66 -10.48
OG1 TPO A 200 3.22 -12.70 -12.45
P TPO A 200 3.94 -11.26 -12.64
O1P TPO A 200 2.84 -10.22 -13.17
O2P TPO A 200 5.01 -11.56 -13.76
O3P TPO A 200 4.55 -10.81 -11.37
C TPO A 200 -0.44 -12.99 -11.64
O TPO A 200 -0.96 -11.90 -11.37
H TPO A 200 1.29 -11.58 -13.71
HA TPO A 200 0.96 -14.00 -12.74
HB TPO A 200 1.90 -11.67 -11.23
HG21 TPO A 200 3.12 -13.36 -9.88
HG22 TPO A 200 2.42 -14.65 -10.88
HG23 TPO A 200 1.37 -13.66 -9.84
N LEU A 201 -0.89 -14.15 -11.20
CA LEU A 201 -1.92 -14.20 -10.16
C LEU A 201 -1.28 -13.85 -8.82
N CYS A 202 -1.58 -12.66 -8.32
CA CYS A 202 -1.08 -12.27 -7.01
C CYS A 202 -1.96 -11.16 -6.45
N GLY A 203 -1.93 -11.06 -5.12
CA GLY A 203 -2.74 -10.11 -4.39
C GLY A 203 -3.52 -10.80 -3.30
N THR A 204 -4.51 -10.09 -2.77
CA THR A 204 -5.32 -10.59 -1.67
C THR A 204 -6.76 -10.75 -2.14
N PRO A 205 -7.44 -11.87 -1.84
CA PRO A 205 -8.70 -12.16 -2.57
C PRO A 205 -9.69 -11.00 -2.63
N GLU A 206 -9.98 -10.37 -1.49
CA GLU A 206 -10.98 -9.30 -1.46
C GLU A 206 -10.63 -8.13 -2.36
N TYR A 207 -9.36 -7.94 -2.66
CA TYR A 207 -8.87 -6.77 -3.38
C TYR A 207 -8.51 -7.08 -4.83
N LEU A 208 -8.68 -8.32 -5.29
CA LEU A 208 -8.31 -8.67 -6.66
C LEU A 208 -9.29 -8.11 -7.67
N ALA A 209 -8.75 -7.52 -8.71
CA ALA A 209 -9.55 -7.07 -9.84
C ALA A 209 -10.08 -8.28 -10.62
N PRO A 210 -11.23 -8.13 -11.27
CA PRO A 210 -11.76 -9.26 -12.04
C PRO A 210 -10.80 -9.79 -13.08
N GLU A 211 -10.05 -8.92 -13.76
CA GLU A 211 -9.19 -9.41 -14.82
C GLU A 211 -8.04 -10.24 -14.27
N ILE A 212 -7.65 -10.04 -13.01
CA ILE A 212 -6.68 -10.94 -12.41
C ILE A 212 -7.32 -12.31 -12.19
N ILE A 213 -8.49 -12.32 -11.56
CA ILE A 213 -9.22 -13.55 -11.27
C ILE A 213 -9.43 -14.34 -12.55
N LEU A 214 -9.73 -13.65 -13.64
CA LEU A 214 -10.08 -14.29 -14.88
C LEU A 214 -8.85 -14.61 -15.73
N SER A 215 -7.66 -14.48 -15.15
CA SER A 215 -6.42 -14.94 -15.77
C SER A 215 -6.17 -14.21 -17.08
N LYS A 216 -6.40 -12.91 -17.08
CA LYS A 216 -6.14 -12.10 -18.25
C LYS A 216 -4.79 -11.41 -18.10
N GLY A 217 -4.26 -10.91 -19.20
CA GLY A 217 -3.22 -9.91 -19.11
C GLY A 217 -3.82 -8.65 -18.55
N TYR A 218 -3.16 -8.04 -17.59
CA TYR A 218 -3.74 -6.87 -16.95
C TYR A 218 -2.69 -5.79 -16.78
N ASN A 219 -3.16 -4.61 -16.35
CA ASN A 219 -2.33 -3.41 -16.35
C ASN A 219 -2.60 -2.64 -15.06
N LYS A 220 -2.10 -1.42 -15.00
CA LYS A 220 -2.19 -0.63 -13.79
C LYS A 220 -3.63 -0.37 -13.34
N ALA A 221 -4.63 -0.63 -14.19
CA ALA A 221 -6.01 -0.44 -13.78
C ALA A 221 -6.41 -1.34 -12.62
N VAL A 222 -5.66 -2.41 -12.35
CA VAL A 222 -5.98 -3.24 -11.19
C VAL A 222 -5.78 -2.47 -9.89
N ASP A 223 -4.87 -1.50 -9.87
CA ASP A 223 -4.65 -0.70 -8.67
C ASP A 223 -5.83 0.24 -8.42
N TRP A 224 -6.45 0.74 -9.49
CA TRP A 224 -7.59 1.62 -9.33
C TRP A 224 -8.82 0.84 -8.87
N TRP A 225 -8.99 -0.39 -9.37
CA TRP A 225 -9.99 -1.28 -8.79
C TRP A 225 -9.75 -1.45 -7.29
N ALA A 226 -8.52 -1.79 -6.92
CA ALA A 226 -8.23 -1.99 -5.51
C ALA A 226 -8.47 -0.73 -4.68
N LEU A 227 -8.21 0.44 -5.25
CA LEU A 227 -8.57 1.68 -4.56
C LEU A 227 -10.07 1.70 -4.25
N GLY A 228 -10.90 1.31 -5.22
CA GLY A 228 -12.32 1.24 -4.98
C GLY A 228 -12.65 0.31 -3.83
N VAL A 229 -12.01 -0.86 -3.78
CA VAL A 229 -12.23 -1.77 -2.67
C VAL A 229 -11.84 -1.11 -1.35
N LEU A 230 -10.69 -0.44 -1.32
CA LEU A 230 -10.20 0.21 -0.10
C LEU A 230 -11.15 1.29 0.36
N ILE A 231 -11.55 2.18 -0.54
CA ILE A 231 -12.45 3.26 -0.15
C ILE A 231 -13.73 2.66 0.42
N TYR A 232 -14.28 1.67 -0.27
CA TYR A 232 -15.48 1.01 0.21
C TYR A 232 -15.27 0.46 1.61
N GLU A 233 -14.16 -0.27 1.81
CA GLU A 233 -13.96 -0.88 3.12
C GLU A 233 -13.76 0.17 4.19
N MET A 234 -13.00 1.24 3.89
CA MET A 234 -12.81 2.31 4.87
C MET A 234 -14.14 2.93 5.28
N ALA A 235 -15.02 3.16 4.33
CA ALA A 235 -16.26 3.88 4.60
C ALA A 235 -17.36 2.97 5.11
N ALA A 236 -17.33 1.69 4.77
CA ALA A 236 -18.35 0.75 5.26
C ALA A 236 -17.93 0.00 6.50
N GLY A 237 -16.64 -0.25 6.66
CA GLY A 237 -16.10 -1.11 7.69
C GLY A 237 -15.94 -2.55 7.26
N TYR A 238 -16.39 -2.89 6.08
CA TYR A 238 -16.24 -4.21 5.50
C TYR A 238 -16.08 -4.03 4.00
N PRO A 239 -15.45 -4.98 3.32
CA PRO A 239 -15.19 -4.80 1.89
C PRO A 239 -16.43 -5.09 1.06
N PRO A 240 -16.41 -4.74 -0.22
CA PRO A 240 -17.60 -4.93 -1.04
C PRO A 240 -17.89 -6.37 -1.36
N PHE A 241 -16.86 -7.21 -1.41
CA PHE A 241 -17.01 -8.60 -1.81
C PHE A 241 -16.39 -9.48 -0.74
N PHE A 242 -17.22 -10.24 -0.05
CA PHE A 242 -16.69 -11.16 0.94
C PHE A 242 -17.56 -12.40 0.94
N ALA A 243 -16.99 -13.46 1.51
CA ALA A 243 -17.60 -14.78 1.58
C ALA A 243 -16.70 -15.65 2.46
N ASP A 244 -17.20 -16.86 2.77
CA ASP A 244 -16.44 -17.80 3.59
C ASP A 244 -15.13 -18.19 2.92
N GLN A 245 -15.15 -18.36 1.61
CA GLN A 245 -14.03 -18.92 0.90
C GLN A 245 -13.68 -18.04 -0.29
N PRO A 246 -12.40 -17.95 -0.64
CA PRO A 246 -12.01 -17.13 -1.79
C PRO A 246 -12.78 -17.39 -3.10
N ILE A 247 -13.07 -18.64 -3.48
CA ILE A 247 -13.76 -18.83 -4.76
C ILE A 247 -15.11 -18.12 -4.77
N GLN A 248 -15.82 -18.10 -3.63
CA GLN A 248 -17.08 -17.36 -3.58
C GLN A 248 -16.85 -15.86 -3.66
N ILE A 249 -15.76 -15.36 -3.09
CA ILE A 249 -15.44 -13.94 -3.25
C ILE A 249 -15.21 -13.63 -4.71
N TYR A 250 -14.49 -14.50 -5.41
CA TYR A 250 -14.19 -14.24 -6.81
C TYR A 250 -15.46 -14.19 -7.65
N GLU A 251 -16.43 -15.08 -7.36
CA GLU A 251 -17.68 -15.06 -8.11
C GLU A 251 -18.38 -13.71 -7.96
N LYS A 252 -18.32 -13.13 -6.76
CA LYS A 252 -18.96 -11.84 -6.52
C LYS A 252 -18.21 -10.74 -7.25
N ILE A 253 -16.88 -10.78 -7.20
CA ILE A 253 -16.08 -9.76 -7.84
C ILE A 253 -16.37 -9.71 -9.34
N VAL A 254 -16.36 -10.86 -10.00
N VAL A 254 -16.37 -10.88 -9.98
CA VAL A 254 -16.54 -10.82 -11.45
CA VAL A 254 -16.56 -10.94 -11.42
C VAL A 254 -17.99 -10.55 -11.86
C VAL A 254 -17.98 -10.55 -11.84
N SER A 255 -18.95 -10.64 -10.93
CA SER A 255 -20.37 -10.53 -11.30
C SER A 255 -20.78 -9.17 -11.88
N GLY A 256 -20.08 -8.10 -11.58
CA GLY A 256 -20.57 -6.78 -11.96
C GLY A 256 -21.56 -6.16 -11.00
N LYS A 257 -21.87 -6.83 -9.88
CA LYS A 257 -22.82 -6.34 -8.88
C LYS A 257 -22.08 -5.93 -7.63
N VAL A 258 -22.41 -4.77 -7.10
CA VAL A 258 -21.94 -4.31 -5.80
C VAL A 258 -23.12 -3.61 -5.13
N ARG A 259 -23.20 -3.76 -3.81
CA ARG A 259 -24.22 -3.14 -2.98
C ARG A 259 -23.54 -2.23 -1.99
N PHE A 260 -24.25 -1.16 -1.60
CA PHE A 260 -23.70 -0.14 -0.75
C PHE A 260 -24.53 0.07 0.50
N PRO A 261 -23.89 0.38 1.63
CA PRO A 261 -24.63 0.79 2.83
C PRO A 261 -25.51 1.99 2.56
N SER A 262 -26.63 2.10 3.29
CA SER A 262 -27.54 3.21 3.10
C SER A 262 -26.91 4.54 3.51
N HIS A 263 -25.84 4.52 4.30
CA HIS A 263 -25.21 5.76 4.71
C HIS A 263 -24.18 6.28 3.72
N PHE A 264 -23.85 5.52 2.67
CA PHE A 264 -22.96 6.04 1.63
C PHE A 264 -23.62 7.20 0.90
N SER A 265 -22.86 8.28 0.71
CA SER A 265 -23.35 9.38 -0.09
C SER A 265 -23.47 8.97 -1.54
N SER A 266 -24.32 9.67 -2.27
N SER A 266 -24.32 9.69 -2.26
CA SER A 266 -24.44 9.40 -3.69
CA SER A 266 -24.47 9.44 -3.70
C SER A 266 -23.12 9.65 -4.40
C SER A 266 -23.16 9.71 -4.44
N ASP A 267 -22.39 10.70 -4.00
CA ASP A 267 -21.10 10.96 -4.62
C ASP A 267 -20.17 9.77 -4.44
N LEU A 268 -20.16 9.20 -3.23
CA LEU A 268 -19.31 8.05 -2.98
C LEU A 268 -19.72 6.87 -3.83
N LYS A 269 -21.01 6.58 -3.89
CA LYS A 269 -21.46 5.43 -4.69
C LYS A 269 -21.10 5.63 -6.15
N ASP A 270 -21.21 6.86 -6.67
CA ASP A 270 -20.86 7.08 -8.06
C ASP A 270 -19.38 6.84 -8.30
N LEU A 271 -18.52 7.35 -7.42
CA LEU A 271 -17.09 7.09 -7.56
C LEU A 271 -16.82 5.59 -7.53
N LEU A 272 -17.41 4.90 -6.55
CA LEU A 272 -17.12 3.48 -6.41
C LEU A 272 -17.64 2.66 -7.59
N ARG A 273 -18.79 3.02 -8.17
CA ARG A 273 -19.25 2.30 -9.35
C ARG A 273 -18.28 2.47 -10.51
N ASN A 274 -17.59 3.60 -10.56
CA ASN A 274 -16.65 3.85 -11.64
C ASN A 274 -15.28 3.25 -11.38
N LEU A 275 -14.90 3.03 -10.11
CA LEU A 275 -13.68 2.30 -9.80
C LEU A 275 -13.88 0.79 -9.83
N LEU A 276 -14.99 0.33 -9.26
CA LEU A 276 -15.35 -1.08 -9.22
C LEU A 276 -16.11 -1.49 -10.47
N GLN A 277 -15.54 -1.07 -11.58
CA GLN A 277 -16.08 -1.29 -12.90
C GLN A 277 -15.39 -2.51 -13.50
N VAL A 278 -16.17 -3.55 -13.78
CA VAL A 278 -15.58 -4.78 -14.29
C VAL A 278 -15.05 -4.55 -15.70
N ASP A 279 -15.66 -3.65 -16.46
CA ASP A 279 -15.27 -3.42 -17.85
C ASP A 279 -14.08 -2.46 -17.85
N LEU A 280 -12.92 -2.94 -18.28
CA LEU A 280 -11.73 -2.12 -18.33
C LEU A 280 -11.90 -0.86 -19.15
N THR A 281 -12.71 -0.90 -20.21
CA THR A 281 -12.84 0.26 -21.09
C THR A 281 -13.61 1.39 -20.42
N LYS A 282 -14.11 1.15 -19.22
CA LYS A 282 -14.96 2.10 -18.55
C LYS A 282 -14.44 2.44 -17.17
N ARG A 283 -13.37 1.80 -16.69
CA ARG A 283 -12.96 2.00 -15.31
C ARG A 283 -12.17 3.29 -15.16
N PHE A 284 -12.53 4.07 -14.16
CA PHE A 284 -11.79 5.27 -13.84
C PHE A 284 -10.34 4.93 -13.50
N GLY A 285 -9.45 5.79 -13.97
CA GLY A 285 -8.05 5.54 -13.89
C GLY A 285 -7.50 4.85 -15.11
N ASN A 286 -8.37 4.31 -15.97
CA ASN A 286 -7.95 3.62 -17.18
C ASN A 286 -8.47 4.26 -18.45
N LEU A 287 -9.00 5.48 -18.36
CA LEU A 287 -9.59 6.15 -19.52
C LEU A 287 -8.61 7.18 -20.07
N LYS A 288 -9.00 7.81 -21.19
CA LYS A 288 -8.13 8.80 -21.80
C LYS A 288 -7.73 9.89 -20.82
N ASN A 289 -8.62 10.25 -19.90
N ASN A 289 -8.61 10.27 -19.90
CA ASN A 289 -8.39 11.30 -18.93
CA ASN A 289 -8.29 11.33 -18.95
C ASN A 289 -7.56 10.82 -17.74
C ASN A 289 -7.56 10.82 -17.72
N GLY A 290 -7.22 9.53 -17.70
CA GLY A 290 -6.30 9.04 -16.68
C GLY A 290 -6.77 9.30 -15.26
N VAL A 291 -5.81 9.76 -14.43
N VAL A 291 -5.83 9.71 -14.41
CA VAL A 291 -6.08 9.90 -13.01
CA VAL A 291 -6.18 9.84 -13.00
C VAL A 291 -7.01 11.08 -12.75
C VAL A 291 -7.07 11.05 -12.77
N ASN A 292 -7.13 11.99 -13.72
CA ASN A 292 -7.96 13.17 -13.54
C ASN A 292 -9.44 12.81 -13.41
N ASP A 293 -9.87 11.68 -13.96
CA ASP A 293 -11.27 11.29 -13.76
C ASP A 293 -11.53 11.05 -12.27
N ILE A 294 -10.53 10.55 -11.55
CA ILE A 294 -10.66 10.32 -10.12
C ILE A 294 -10.50 11.62 -9.35
N LYS A 295 -9.40 12.35 -9.61
CA LYS A 295 -9.09 13.52 -8.81
C LYS A 295 -10.15 14.60 -8.96
N ASN A 296 -10.86 14.62 -10.09
CA ASN A 296 -11.86 15.65 -10.35
C ASN A 296 -13.28 15.17 -10.07
N HIS A 297 -13.42 13.98 -9.54
CA HIS A 297 -14.75 13.49 -9.21
C HIS A 297 -15.34 14.29 -8.06
N LYS A 298 -16.68 14.41 -8.06
CA LYS A 298 -17.38 15.17 -7.03
C LYS A 298 -17.01 14.75 -5.61
N TRP A 299 -16.77 13.45 -5.38
CA TRP A 299 -16.48 13.03 -4.01
C TRP A 299 -15.19 13.64 -3.51
N PHE A 300 -14.30 14.03 -4.41
CA PHE A 300 -13.04 14.66 -4.05
C PHE A 300 -13.07 16.18 -4.23
N ALA A 301 -14.27 16.78 -4.37
CA ALA A 301 -14.32 18.21 -4.66
C ALA A 301 -13.69 19.06 -3.57
N THR A 302 -13.73 18.61 -2.31
CA THR A 302 -13.16 19.37 -1.22
C THR A 302 -11.69 19.08 -1.01
N THR A 303 -11.10 18.18 -1.78
CA THR A 303 -9.72 17.79 -1.59
C THR A 303 -8.80 18.78 -2.27
N ASP A 304 -7.91 19.37 -1.48
CA ASP A 304 -6.81 20.21 -1.95
C ASP A 304 -5.61 19.29 -2.17
N TRP A 305 -5.43 18.85 -3.42
CA TRP A 305 -4.43 17.82 -3.72
C TRP A 305 -3.03 18.27 -3.33
N ILE A 306 -2.69 19.54 -3.60
CA ILE A 306 -1.36 20.02 -3.25
C ILE A 306 -1.19 20.06 -1.75
N ALA A 307 -2.22 20.46 -1.02
CA ALA A 307 -2.10 20.51 0.43
C ALA A 307 -1.95 19.12 1.02
N ILE A 308 -2.59 18.10 0.43
CA ILE A 308 -2.38 16.73 0.89
C ILE A 308 -0.92 16.33 0.65
N TYR A 309 -0.42 16.57 -0.56
CA TYR A 309 0.97 16.25 -0.88
C TYR A 309 1.94 16.94 0.07
N GLN A 310 1.68 18.21 0.38
CA GLN A 310 2.54 18.98 1.27
C GLN A 310 2.34 18.63 2.75
N ARG A 311 1.38 17.78 3.04
CA ARG A 311 1.07 17.35 4.40
C ARG A 311 0.66 18.53 5.26
N LYS A 312 -0.07 19.46 4.65
CA LYS A 312 -0.55 20.62 5.37
C LYS A 312 -2.00 20.51 5.77
N VAL A 313 -2.66 19.43 5.42
CA VAL A 313 -4.02 19.19 5.88
C VAL A 313 -4.00 18.56 7.27
N GLU A 314 -4.87 19.03 8.14
CA GLU A 314 -4.94 18.47 9.47
C GLU A 314 -5.58 17.10 9.38
N ALA A 315 -4.90 16.09 9.90
CA ALA A 315 -5.39 14.74 9.80
C ALA A 315 -6.63 14.54 10.68
N PRO A 316 -7.56 13.70 10.24
CA PRO A 316 -8.78 13.47 11.03
C PRO A 316 -8.54 12.69 12.30
N PHE A 317 -7.43 11.99 12.35
CA PHE A 317 -7.13 11.08 13.44
C PHE A 317 -5.63 11.06 13.64
N ILE A 318 -5.19 11.31 14.87
CA ILE A 318 -3.78 11.25 15.26
C ILE A 318 -3.63 10.05 16.19
N PRO A 319 -2.82 9.05 15.84
CA PRO A 319 -2.64 7.91 16.76
C PRO A 319 -2.00 8.32 18.08
N LYS A 320 -2.31 7.54 19.12
CA LYS A 320 -1.65 7.71 20.39
C LYS A 320 -0.14 7.51 20.23
N PHE A 321 0.64 8.37 20.87
CA PHE A 321 2.08 8.31 20.74
C PHE A 321 2.70 8.73 22.06
N LYS A 322 3.25 7.78 22.80
CA LYS A 322 3.83 8.06 24.10
C LYS A 322 5.29 8.48 24.01
N GLY A 323 5.91 8.35 22.85
CA GLY A 323 7.30 8.73 22.69
C GLY A 323 7.99 7.83 21.68
N PRO A 324 9.24 8.13 21.36
CA PRO A 324 10.00 7.25 20.48
C PRO A 324 9.98 5.82 21.00
N GLY A 325 9.92 4.87 20.08
CA GLY A 325 9.90 3.49 20.47
C GLY A 325 8.62 2.99 21.09
N ASP A 326 7.60 3.84 21.23
CA ASP A 326 6.28 3.38 21.64
C ASP A 326 5.72 2.41 20.60
N THR A 327 5.37 1.20 21.02
CA THR A 327 4.85 0.18 20.11
C THR A 327 3.39 -0.14 20.40
N SER A 328 2.69 0.71 21.14
CA SER A 328 1.37 0.36 21.62
C SER A 328 0.35 0.24 20.50
N ASN A 329 0.60 0.82 19.32
CA ASN A 329 -0.36 0.72 18.24
C ASN A 329 -0.17 -0.54 17.42
N PHE A 330 0.76 -1.39 17.81
CA PHE A 330 0.97 -2.68 17.17
C PHE A 330 0.60 -3.80 18.14
N ASP A 331 0.31 -4.95 17.53
N ASP A 331 0.27 -4.96 17.59
CA ASP A 331 -0.07 -6.15 18.25
CA ASP A 331 -0.10 -6.00 18.51
C ASP A 331 1.17 -6.78 18.90
C ASP A 331 1.15 -6.76 18.92
N ASP A 332 0.93 -7.77 19.76
CA ASP A 332 2.00 -8.52 20.40
C ASP A 332 2.19 -9.82 19.65
N TYR A 333 3.44 -10.18 19.45
CA TYR A 333 3.82 -11.38 18.72
C TYR A 333 4.84 -12.13 19.54
N GLU A 334 4.79 -13.45 19.43
CA GLU A 334 5.80 -14.30 20.02
C GLU A 334 7.16 -13.90 19.49
N GLU A 335 8.10 -13.68 20.40
CA GLU A 335 9.44 -13.28 20.03
C GLU A 335 10.30 -14.51 19.83
N GLU A 336 11.08 -14.52 18.75
CA GLU A 336 11.98 -15.61 18.44
C GLU A 336 13.37 -15.03 18.19
N GLU A 337 14.39 -15.71 18.69
CA GLU A 337 15.76 -15.28 18.46
C GLU A 337 16.06 -15.29 16.97
N ILE A 338 16.95 -14.40 16.55
CA ILE A 338 17.42 -14.39 15.17
C ILE A 338 18.79 -15.06 15.20
N ARG A 339 18.82 -16.32 14.79
CA ARG A 339 20.06 -17.05 14.67
C ARG A 339 20.68 -16.74 13.32
N VAL A 340 21.99 -16.46 13.32
CA VAL A 340 22.68 -16.31 12.06
C VAL A 340 23.09 -17.72 11.62
N SEP A 341 24.38 -18.04 11.67
CA SEP A 341 24.91 -19.34 11.27
CB SEP A 341 24.09 -20.03 10.17
OG SEP A 341 24.82 -21.07 9.51
C SEP A 341 26.32 -19.09 10.79
O SEP A 341 26.61 -18.04 10.21
P SEP A 341 24.67 -22.54 10.18
O1P SEP A 341 23.14 -22.87 10.53
O2P SEP A 341 25.21 -23.66 9.16
O3P SEP A 341 25.55 -22.60 11.54
HA SEP A 341 24.95 -19.94 12.06
HB2 SEP A 341 23.84 -19.37 9.52
HB3 SEP A 341 23.30 -20.42 10.57
N ILE A 342 27.21 -20.05 11.05
CA ILE A 342 28.61 -19.91 10.70
C ILE A 342 28.80 -20.16 9.21
N ASN A 343 27.74 -20.60 8.53
CA ASN A 343 27.80 -21.01 7.14
C ASN A 343 26.90 -20.09 6.32
N GLU A 344 27.48 -19.45 5.29
CA GLU A 344 26.71 -18.60 4.40
C GLU A 344 25.68 -19.43 3.65
N LYS A 345 24.43 -18.98 3.68
CA LYS A 345 23.32 -19.64 2.99
C LYS A 345 22.91 -18.82 1.78
N CYS A 346 22.70 -19.51 0.66
CA CYS A 346 22.07 -18.91 -0.52
C CYS A 346 22.82 -17.66 -0.98
N GLY A 347 24.16 -17.73 -0.92
CA GLY A 347 24.95 -16.59 -1.37
C GLY A 347 24.68 -16.22 -2.81
N LYS A 348 24.72 -17.22 -3.70
CA LYS A 348 24.54 -16.94 -5.13
C LYS A 348 23.21 -16.27 -5.40
N GLU A 349 22.13 -16.78 -4.80
CA GLU A 349 20.80 -16.28 -5.13
C GLU A 349 20.63 -14.81 -4.75
N PHE A 350 21.31 -14.35 -3.70
CA PHE A 350 21.07 -13.01 -3.17
C PHE A 350 22.28 -12.10 -3.35
N THR A 351 23.15 -12.41 -4.30
CA THR A 351 24.33 -11.58 -4.57
C THR A 351 24.01 -10.10 -4.71
N GLU A 352 22.90 -9.78 -5.40
N GLU A 352 22.91 -9.76 -5.39
CA GLU A 352 22.57 -8.38 -5.68
CA GLU A 352 22.65 -8.35 -5.67
C GLU A 352 22.03 -7.63 -4.48
C GLU A 352 21.98 -7.62 -4.50
N PHE A 353 21.59 -8.33 -3.45
CA PHE A 353 20.96 -7.68 -2.32
C PHE A 353 21.99 -6.86 -1.56
N THR B 1 -28.05 -8.59 8.71
CA THR B 1 -27.49 -7.40 8.07
C THR B 1 -26.22 -7.73 7.29
N THR B 2 -25.78 -6.80 6.45
CA THR B 2 -24.55 -7.04 5.72
C THR B 2 -23.38 -7.16 6.69
N TYR B 3 -23.35 -6.32 7.73
CA TYR B 3 -22.33 -6.45 8.76
C TYR B 3 -22.35 -7.84 9.37
N ALA B 4 -23.53 -8.34 9.72
CA ALA B 4 -23.59 -9.69 10.28
C ALA B 4 -23.04 -10.71 9.30
N ASP B 5 -23.34 -10.54 8.02
CA ASP B 5 -22.82 -11.45 7.00
C ASP B 5 -21.29 -11.38 6.95
N PHE B 6 -20.74 -10.19 7.11
CA PHE B 6 -19.29 -10.03 7.14
C PHE B 6 -18.69 -10.80 8.30
N ILE B 7 -19.27 -10.64 9.49
CA ILE B 7 -18.79 -11.38 10.65
C ILE B 7 -18.86 -12.88 10.38
N ALA B 8 -19.95 -13.32 9.75
CA ALA B 8 -20.14 -14.75 9.50
C ALA B 8 -19.11 -15.31 8.52
N SER B 9 -18.56 -14.47 7.64
CA SER B 9 -17.58 -14.94 6.66
C SER B 9 -16.31 -15.48 7.32
N GLY B 10 -16.03 -15.08 8.55
CA GLY B 10 -14.79 -15.43 9.20
C GLY B 10 -13.57 -14.74 8.66
N ARG B 11 -13.73 -13.78 7.76
CA ARG B 11 -12.59 -13.09 7.19
C ARG B 11 -12.51 -11.66 7.71
N THR B 12 -12.65 -11.50 9.03
CA THR B 12 -12.55 -10.18 9.64
C THR B 12 -11.13 -9.85 10.11
N GLY B 13 -10.23 -10.83 10.15
CA GLY B 13 -8.86 -10.59 10.57
C GLY B 13 -7.95 -10.22 9.42
N ARG B 14 -6.66 -10.09 9.74
CA ARG B 14 -5.68 -9.77 8.73
C ARG B 14 -5.66 -10.86 7.65
N ARG B 15 -5.72 -10.43 6.40
CA ARG B 15 -5.89 -11.30 5.26
C ARG B 15 -4.55 -11.51 4.58
N ASN B 16 -4.22 -12.77 4.34
CA ASN B 16 -2.99 -13.08 3.63
C ASN B 16 -3.16 -12.89 2.13
N ALA B 17 -2.05 -12.61 1.46
CA ALA B 17 -2.04 -12.64 0.01
C ALA B 17 -2.09 -14.08 -0.48
N ILE B 18 -2.40 -14.23 -1.78
CA ILE B 18 -2.58 -15.54 -2.42
C ILE B 18 -1.35 -16.41 -2.25
N HIS B 19 -0.16 -15.83 -2.36
CA HIS B 19 1.04 -16.64 -2.25
C HIS B 19 1.13 -17.28 -0.86
S DMS C . 1.59 16.41 -6.58
O DMS C . 0.69 16.45 -7.78
C1 DMS C . 2.59 14.90 -6.64
C2 DMS C . 2.88 17.69 -6.73
C6 9K6 D . 5.82 -2.89 9.05
C4 9K6 D . 4.02 -7.35 8.65
C2 9K6 D . 2.03 -5.52 7.14
C8 9K6 D . 7.15 -0.83 9.06
C10 9K6 D . 6.19 -0.11 11.52
C13 9K6 D . 7.24 -2.37 7.20
C1 9K6 D . 3.19 -3.38 6.71
O1 9K6 D . 5.33 -4.88 10.62
S 9K6 D . 4.63 -3.99 9.76
O 9K6 D . 3.55 -3.21 10.26
N 9K6 D . 4.02 -4.86 8.53
C5 9K6 D . 4.69 -6.11 8.10
C3 9K6 D . 2.74 -7.72 7.95
N1 9K6 D . 1.71 -6.67 7.96
C 9K6 D . 2.83 -4.40 7.78
C14 9K6 D . 6.32 -3.21 7.81
C12 9K6 D . 7.65 -1.21 7.79
C9 9K6 D . 7.49 0.37 9.71
N2 9K6 D . 7.03 0.73 10.90
C11 9K6 D . 5.79 -1.30 11.01
C7 9K6 D . 6.24 -1.70 9.74
#